data_4D4M
#
_entry.id   4D4M
#
_cell.length_a   102.620
_cell.length_b   102.620
_cell.length_c   257.660
_cell.angle_alpha   90.00
_cell.angle_beta   90.00
_cell.angle_gamma   120.00
#
_symmetry.space_group_name_H-M   'P 65 2 2'
#
loop_
_entity.id
_entity.type
_entity.pdbx_description
1 polymer '6-PHOSPHOFRUCTO-2-KINASE/FRUCTOSE-2,6-BISPHOSPHATASE 3'
2 non-polymer 'PHOSPHATE ION'
3 non-polymer 'PHOSPHONIC ACID'
4 non-polymer 6-O-phosphono-beta-D-fructofuranose
5 non-polymer 7-(4-bromophenyl)-5-phenyl-3,7-dihydro-4H-pyrrolo[2,3-d]pyrimidin-4-one
6 water water
#
_entity_poly.entity_id   1
_entity_poly.type   'polypeptide(L)'
_entity_poly.pdbx_seq_one_letter_code
;MPLELTQSRVQKIWVPVDHRPSLPRSCGPKLTNSPTVIVMVGLPARGKTYISKKLTRYLNWIGVPTKVFNVGEYRREAVK
QYSSYNFFRPDNEEAMKVRKQCALAALRDVKSYLAKEGGQIAVFDATNTTRERRHMILHFAKENDFKAFFIESVCDDPTV
VASNIMEVKISSPDYKDCNSAEAMDDFMKRISCYEASYQPLDPDKCDRDLSLIKVIDVGRRFLVNRVQDHIQSRIVYYLM
NIHVQPRTIYLCRHGENEHNLQGRIGGDSGLSSRGKKFASALSKFVEEQNLKDLRVWTSQLKSTIQTAEALRLPYEQWKA
LNEIDAGVCEELTYEEIRDTYPEEYALREQDKYYYRYPTGESYQDLVQRLEPVIMELERQENVLVICHQAVLRCLLAYFL
DKSAEEMPYLKCPLHTVLKLTPVAYGCRVESIYLNVESVCTHRERSEDA
;
_entity_poly.pdbx_strand_id   A
#
# COMPACT_ATOMS: atom_id res chain seq x y z
N PRO A 2 33.66 -14.68 23.61
CA PRO A 2 33.42 -13.56 24.53
C PRO A 2 32.79 -12.39 23.76
N LEU A 3 31.46 -12.47 23.56
CA LEU A 3 30.62 -11.53 22.80
C LEU A 3 31.05 -11.42 21.31
N GLU A 4 31.43 -12.57 20.72
CA GLU A 4 31.90 -12.68 19.33
C GLU A 4 30.74 -12.58 18.34
N LEU A 5 30.82 -11.59 17.46
CA LEU A 5 29.79 -11.38 16.46
C LEU A 5 30.35 -11.47 15.05
N THR A 6 29.47 -11.76 14.08
CA THR A 6 29.80 -11.75 12.67
C THR A 6 28.78 -10.92 11.91
N GLN A 7 29.21 -10.22 10.87
CA GLN A 7 28.31 -9.40 10.06
C GLN A 7 27.73 -10.20 8.88
N SER A 8 26.39 -10.36 8.83
CA SER A 8 25.71 -11.08 7.74
C SER A 8 26.02 -10.39 6.38
N ARG A 9 26.42 -11.18 5.38
CA ARG A 9 26.86 -10.70 4.05
C ARG A 9 25.88 -9.83 3.29
N VAL A 10 24.59 -10.17 3.30
CA VAL A 10 23.59 -9.45 2.53
C VAL A 10 23.14 -8.17 3.26
N GLN A 11 22.44 -8.32 4.40
CA GLN A 11 21.86 -7.25 5.19
C GLN A 11 22.86 -6.49 6.05
N LYS A 12 24.09 -7.01 6.23
CA LYS A 12 25.14 -6.37 7.04
C LYS A 12 24.75 -6.27 8.53
N ILE A 13 23.96 -7.24 9.04
CA ILE A 13 23.49 -7.31 10.45
C ILE A 13 24.49 -8.10 11.31
N TRP A 14 24.89 -7.51 12.45
CA TRP A 14 25.79 -8.17 13.39
C TRP A 14 25.02 -9.21 14.17
N VAL A 15 25.43 -10.46 14.05
CA VAL A 15 24.78 -11.59 14.71
C VAL A 15 25.79 -12.34 15.58
N PRO A 16 25.36 -12.99 16.69
CA PRO A 16 26.35 -13.76 17.47
C PRO A 16 26.92 -14.87 16.61
N VAL A 17 28.27 -15.07 16.63
CA VAL A 17 28.94 -16.13 15.89
C VAL A 17 28.26 -17.41 16.33
N ASP A 18 27.59 -18.08 15.40
CA ASP A 18 26.85 -19.26 15.77
C ASP A 18 27.61 -20.52 15.45
N HIS A 19 28.33 -20.99 16.46
CA HIS A 19 29.10 -22.21 16.42
C HIS A 19 28.12 -23.23 16.91
N ARG A 20 27.27 -23.69 15.99
CA ARG A 20 26.23 -24.66 16.25
C ARG A 20 26.92 -25.94 16.76
N PRO A 21 26.32 -26.63 17.76
CA PRO A 21 26.93 -27.88 18.25
C PRO A 21 26.84 -28.99 17.19
N SER A 22 27.37 -30.18 17.49
CA SER A 22 27.39 -31.35 16.60
C SER A 22 26.05 -31.57 15.90
N LEU A 23 24.94 -31.43 16.66
CA LEU A 23 23.55 -31.58 16.21
C LEU A 23 22.88 -30.20 16.23
N PRO A 24 22.98 -29.41 15.12
CA PRO A 24 22.36 -28.08 15.11
C PRO A 24 20.84 -28.12 15.24
N ARG A 25 20.30 -27.28 16.15
CA ARG A 25 18.86 -27.16 16.43
C ARG A 25 18.36 -25.79 15.99
N SER A 26 17.16 -25.75 15.37
CA SER A 26 16.54 -24.53 14.83
C SER A 26 15.58 -23.73 15.77
N CYS A 27 14.73 -24.39 16.63
CA CYS A 27 13.71 -23.78 17.52
C CYS A 27 12.61 -23.04 16.76
N ASN A 33 5.21 -11.62 17.68
CA ASN A 33 4.02 -11.47 18.50
C ASN A 33 2.72 -11.90 17.78
N SER A 34 1.67 -12.24 18.59
CA SER A 34 0.35 -12.75 18.18
C SER A 34 -0.22 -12.11 16.89
N PRO A 35 -0.69 -12.95 15.93
CA PRO A 35 -1.28 -12.40 14.70
C PRO A 35 -2.61 -11.70 14.97
N THR A 36 -3.04 -10.85 14.04
CA THR A 36 -4.30 -10.11 14.18
C THR A 36 -5.28 -10.39 13.08
N VAL A 37 -6.54 -10.56 13.47
CA VAL A 37 -7.67 -10.67 12.56
C VAL A 37 -8.34 -9.30 12.62
N ILE A 38 -8.29 -8.57 11.51
CA ILE A 38 -9.00 -7.31 11.36
C ILE A 38 -10.42 -7.67 10.84
N VAL A 39 -11.46 -7.34 11.62
CA VAL A 39 -12.84 -7.63 11.28
C VAL A 39 -13.53 -6.39 10.69
N MET A 40 -13.89 -6.44 9.38
CA MET A 40 -14.62 -5.34 8.75
C MET A 40 -16.08 -5.43 9.18
N VAL A 41 -16.71 -4.29 9.51
CA VAL A 41 -18.10 -4.23 9.97
C VAL A 41 -18.87 -3.14 9.23
N GLY A 42 -20.08 -3.46 8.79
CA GLY A 42 -20.94 -2.48 8.12
C GLY A 42 -21.82 -3.01 7.01
N LEU A 43 -22.83 -2.22 6.64
CA LEU A 43 -23.76 -2.51 5.54
C LEU A 43 -23.00 -2.54 4.20
N PRO A 44 -23.52 -3.17 3.14
CA PRO A 44 -22.82 -3.11 1.84
C PRO A 44 -22.74 -1.67 1.34
N ALA A 45 -21.78 -1.39 0.42
CA ALA A 45 -21.49 -0.08 -0.17
C ALA A 45 -21.09 0.97 0.88
N ARG A 46 -20.32 0.52 1.90
CA ARG A 46 -19.80 1.38 2.96
C ARG A 46 -18.29 1.54 2.89
N GLY A 47 -17.68 1.09 1.80
CA GLY A 47 -16.24 1.21 1.61
C GLY A 47 -15.38 0.24 2.40
N LYS A 48 -15.97 -0.88 2.89
CA LYS A 48 -15.23 -1.90 3.63
C LYS A 48 -14.12 -2.54 2.80
N THR A 49 -14.41 -2.89 1.52
CA THR A 49 -13.44 -3.46 0.57
C THR A 49 -12.37 -2.43 0.22
N TYR A 50 -12.76 -1.15 0.09
CA TYR A 50 -11.86 -0.05 -0.17
C TYR A 50 -10.85 0.05 0.99
N ILE A 51 -11.35 0.06 2.25
CA ILE A 51 -10.52 0.08 3.45
C ILE A 51 -9.59 -1.14 3.50
N SER A 52 -10.16 -2.36 3.32
CA SER A 52 -9.45 -3.63 3.35
C SER A 52 -8.25 -3.62 2.41
N LYS A 53 -8.47 -3.25 1.15
CA LYS A 53 -7.46 -3.24 0.08
C LYS A 53 -6.37 -2.21 0.32
N LYS A 54 -6.76 -0.97 0.66
CA LYS A 54 -5.82 0.12 0.90
C LYS A 54 -4.90 -0.13 2.12
N LEU A 55 -5.50 -0.56 3.25
CA LEU A 55 -4.80 -0.91 4.48
C LEU A 55 -3.83 -2.08 4.27
N THR A 56 -4.23 -3.10 3.49
CA THR A 56 -3.43 -4.28 3.15
C THR A 56 -2.20 -3.84 2.31
N ARG A 57 -2.41 -2.93 1.36
CA ARG A 57 -1.40 -2.37 0.46
C ARG A 57 -0.32 -1.62 1.29
N TYR A 58 -0.77 -0.81 2.27
CA TYR A 58 0.09 -0.06 3.16
C TYR A 58 0.88 -0.98 4.11
N LEU A 59 0.18 -1.92 4.77
CA LEU A 59 0.78 -2.87 5.72
C LEU A 59 1.82 -3.78 5.07
N ASN A 60 1.52 -4.27 3.86
CA ASN A 60 2.49 -5.10 3.14
C ASN A 60 3.74 -4.31 2.76
N TRP A 61 3.56 -3.07 2.25
CA TRP A 61 4.64 -2.17 1.84
C TRP A 61 5.58 -1.83 3.00
N ILE A 62 5.04 -1.62 4.22
CA ILE A 62 5.86 -1.34 5.41
C ILE A 62 6.50 -2.63 5.99
N GLY A 63 6.15 -3.79 5.43
CA GLY A 63 6.73 -5.08 5.82
C GLY A 63 5.94 -5.95 6.78
N VAL A 64 4.64 -5.70 6.92
CA VAL A 64 3.77 -6.51 7.78
C VAL A 64 2.97 -7.44 6.83
N PRO A 65 3.27 -8.76 6.73
CA PRO A 65 2.51 -9.62 5.80
C PRO A 65 1.01 -9.59 6.11
N THR A 66 0.24 -9.07 5.15
CA THR A 66 -1.21 -8.87 5.27
C THR A 66 -1.96 -9.45 4.07
N LYS A 67 -3.11 -10.07 4.34
CA LYS A 67 -3.96 -10.62 3.29
C LYS A 67 -5.44 -10.39 3.60
N VAL A 68 -6.21 -10.09 2.54
CA VAL A 68 -7.67 -9.90 2.60
C VAL A 68 -8.37 -11.25 2.28
N PHE A 69 -9.38 -11.57 3.10
CA PHE A 69 -10.26 -12.72 2.95
C PHE A 69 -11.67 -12.16 2.78
N ASN A 70 -12.09 -12.00 1.52
CA ASN A 70 -13.39 -11.44 1.15
C ASN A 70 -14.38 -12.60 0.98
N VAL A 71 -15.37 -12.65 1.86
CA VAL A 71 -16.41 -13.71 1.90
C VAL A 71 -17.22 -13.80 0.57
N GLY A 72 -17.42 -12.66 -0.10
CA GLY A 72 -18.12 -12.58 -1.38
C GLY A 72 -17.43 -13.32 -2.52
N GLU A 73 -16.09 -13.40 -2.47
CA GLU A 73 -15.27 -14.11 -3.45
C GLU A 73 -15.35 -15.61 -3.26
N TYR A 74 -15.52 -16.06 -2.00
CA TYR A 74 -15.72 -17.45 -1.63
C TYR A 74 -17.11 -17.88 -2.10
N ARG A 75 -18.07 -16.94 -2.07
CA ARG A 75 -19.45 -17.12 -2.50
C ARG A 75 -19.52 -17.22 -4.02
N ARG A 76 -18.78 -16.34 -4.76
CA ARG A 76 -18.73 -16.37 -6.23
C ARG A 76 -18.11 -17.68 -6.75
N GLU A 77 -17.24 -18.30 -5.92
CA GLU A 77 -16.57 -19.55 -6.18
C GLU A 77 -17.49 -20.74 -5.91
N ALA A 78 -18.27 -20.69 -4.81
CA ALA A 78 -19.20 -21.77 -4.43
C ALA A 78 -20.49 -21.76 -5.27
N VAL A 79 -20.99 -20.57 -5.63
CA VAL A 79 -22.19 -20.36 -6.44
C VAL A 79 -21.73 -19.69 -7.74
N LYS A 80 -21.64 -20.49 -8.81
CA LYS A 80 -21.17 -20.12 -10.14
C LYS A 80 -21.67 -18.74 -10.65
N GLN A 81 -22.99 -18.59 -10.92
CA GLN A 81 -23.55 -17.34 -11.41
C GLN A 81 -24.49 -16.66 -10.43
N TYR A 82 -24.42 -15.31 -10.38
CA TYR A 82 -25.27 -14.46 -9.54
C TYR A 82 -26.49 -14.03 -10.34
N SER A 83 -27.68 -14.22 -9.76
CA SER A 83 -28.92 -13.83 -10.42
C SER A 83 -29.50 -12.51 -9.90
N SER A 84 -29.74 -12.41 -8.55
CA SER A 84 -30.34 -11.21 -7.93
C SER A 84 -30.17 -11.14 -6.41
N TYR A 85 -30.69 -10.05 -5.79
CA TYR A 85 -30.71 -9.74 -4.35
C TYR A 85 -31.45 -10.83 -3.55
N ASN A 86 -32.31 -11.63 -4.25
CA ASN A 86 -33.07 -12.74 -3.69
C ASN A 86 -32.17 -13.77 -3.00
N PHE A 87 -30.89 -13.87 -3.44
CA PHE A 87 -29.87 -14.74 -2.86
C PHE A 87 -29.52 -14.24 -1.44
N PHE A 88 -29.62 -12.93 -1.24
CA PHE A 88 -29.28 -12.30 0.04
C PHE A 88 -30.46 -12.14 1.00
N ARG A 89 -31.66 -12.60 0.62
CA ARG A 89 -32.82 -12.50 1.47
C ARG A 89 -32.63 -13.22 2.82
N PRO A 90 -33.02 -12.60 3.96
CA PRO A 90 -32.93 -13.30 5.26
C PRO A 90 -33.83 -14.56 5.33
N ASP A 91 -34.88 -14.65 4.49
CA ASP A 91 -35.74 -15.83 4.47
C ASP A 91 -35.24 -16.94 3.52
N ASN A 92 -34.10 -16.68 2.82
CA ASN A 92 -33.46 -17.63 1.91
C ASN A 92 -32.63 -18.64 2.72
N GLU A 93 -33.29 -19.64 3.30
CA GLU A 93 -32.68 -20.68 4.13
C GLU A 93 -31.42 -21.31 3.52
N GLU A 94 -31.49 -21.75 2.24
CA GLU A 94 -30.40 -22.38 1.49
C GLU A 94 -29.21 -21.45 1.29
N ALA A 95 -29.43 -20.23 0.77
CA ALA A 95 -28.35 -19.29 0.55
C ALA A 95 -27.72 -18.84 1.87
N MET A 96 -28.52 -18.75 2.97
CA MET A 96 -28.00 -18.39 4.30
C MET A 96 -27.01 -19.48 4.79
N LYS A 97 -27.30 -20.76 4.49
CA LYS A 97 -26.43 -21.90 4.84
C LYS A 97 -25.13 -21.79 4.02
N VAL A 98 -25.26 -21.54 2.70
CA VAL A 98 -24.14 -21.37 1.76
C VAL A 98 -23.22 -20.21 2.19
N ARG A 99 -23.82 -19.05 2.49
CA ARG A 99 -23.12 -17.85 2.93
C ARG A 99 -22.35 -18.08 4.23
N LYS A 100 -22.94 -18.81 5.20
CA LYS A 100 -22.28 -19.16 6.46
C LYS A 100 -21.07 -20.08 6.18
N GLN A 101 -21.26 -21.11 5.32
CA GLN A 101 -20.21 -22.05 4.91
C GLN A 101 -19.03 -21.32 4.28
N CYS A 102 -19.31 -20.30 3.44
CA CYS A 102 -18.32 -19.44 2.78
C CYS A 102 -17.51 -18.63 3.80
N ALA A 103 -18.20 -18.08 4.83
CA ALA A 103 -17.57 -17.31 5.91
C ALA A 103 -16.65 -18.24 6.72
N LEU A 104 -17.13 -19.46 7.05
CA LEU A 104 -16.35 -20.48 7.77
C LEU A 104 -15.14 -20.96 6.97
N ALA A 105 -15.29 -21.11 5.64
CA ALA A 105 -14.21 -21.51 4.73
C ALA A 105 -13.15 -20.39 4.67
N ALA A 106 -13.58 -19.09 4.68
CA ALA A 106 -12.67 -17.94 4.71
C ALA A 106 -11.89 -17.92 6.02
N LEU A 107 -12.57 -18.18 7.17
CA LEU A 107 -11.93 -18.25 8.47
C LEU A 107 -10.90 -19.39 8.55
N ARG A 108 -11.21 -20.54 7.91
CA ARG A 108 -10.30 -21.70 7.85
CA ARG A 108 -10.30 -21.69 7.85
C ARG A 108 -9.01 -21.24 7.16
N ASP A 109 -9.15 -20.48 6.05
CA ASP A 109 -8.01 -19.91 5.31
C ASP A 109 -7.29 -18.82 6.09
N VAL A 110 -8.01 -18.13 7.02
CA VAL A 110 -7.44 -17.11 7.92
C VAL A 110 -6.50 -17.84 8.90
N LYS A 111 -6.97 -18.95 9.49
CA LYS A 111 -6.20 -19.79 10.44
C LYS A 111 -4.91 -20.30 9.78
N SER A 112 -5.04 -20.84 8.57
CA SER A 112 -3.91 -21.36 7.79
C SER A 112 -2.91 -20.25 7.44
N TYR A 113 -3.40 -19.06 7.10
CA TYR A 113 -2.55 -17.92 6.75
C TYR A 113 -1.71 -17.43 7.94
N LEU A 114 -2.37 -17.21 9.09
CA LEU A 114 -1.75 -16.70 10.30
C LEU A 114 -0.93 -17.70 11.10
N ALA A 115 -1.39 -18.96 11.19
CA ALA A 115 -0.69 -19.97 11.98
C ALA A 115 0.31 -20.81 11.19
N LYS A 116 0.15 -20.91 9.86
CA LYS A 116 1.00 -21.79 9.06
C LYS A 116 1.72 -21.14 7.88
N GLU A 117 1.37 -19.90 7.49
CA GLU A 117 2.01 -19.29 6.33
C GLU A 117 2.86 -18.07 6.61
N GLY A 118 3.03 -17.73 7.88
CA GLY A 118 3.83 -16.57 8.26
C GLY A 118 3.14 -15.23 8.04
N GLY A 119 1.82 -15.25 7.92
CA GLY A 119 1.02 -14.04 7.80
C GLY A 119 0.88 -13.38 9.15
N GLN A 120 0.86 -12.05 9.19
CA GLN A 120 0.74 -11.35 10.46
C GLN A 120 -0.65 -10.77 10.66
N ILE A 121 -1.26 -10.28 9.58
CA ILE A 121 -2.58 -9.67 9.63
C ILE A 121 -3.51 -10.28 8.58
N ALA A 122 -4.70 -10.68 9.00
CA ALA A 122 -5.74 -11.20 8.10
C ALA A 122 -6.90 -10.23 8.17
N VAL A 123 -7.28 -9.67 7.02
CA VAL A 123 -8.41 -8.73 6.98
C VAL A 123 -9.64 -9.52 6.54
N PHE A 124 -10.58 -9.72 7.48
CA PHE A 124 -11.83 -10.44 7.26
C PHE A 124 -12.89 -9.47 6.74
N ASP A 125 -12.97 -9.41 5.39
CA ASP A 125 -13.82 -8.49 4.65
C ASP A 125 -15.21 -9.07 4.35
N ALA A 126 -16.15 -8.77 5.25
CA ALA A 126 -17.54 -9.17 5.18
C ALA A 126 -18.36 -8.11 5.89
N THR A 127 -19.70 -8.25 5.87
CA THR A 127 -20.61 -7.32 6.54
C THR A 127 -20.46 -7.41 8.05
N ASN A 128 -20.42 -8.64 8.62
CA ASN A 128 -20.26 -8.90 10.08
C ASN A 128 -21.12 -7.92 10.90
N THR A 129 -22.37 -7.71 10.43
CA THR A 129 -23.36 -6.76 10.90
C THR A 129 -24.13 -7.20 12.16
N THR A 130 -24.11 -8.50 12.48
CA THR A 130 -24.80 -9.03 13.66
C THR A 130 -23.80 -9.35 14.76
N ARG A 131 -24.24 -9.20 16.01
CA ARG A 131 -23.45 -9.51 17.21
C ARG A 131 -23.10 -11.01 17.21
N GLU A 132 -24.05 -11.87 16.77
CA GLU A 132 -23.87 -13.32 16.63
C GLU A 132 -22.66 -13.65 15.76
N ARG A 133 -22.58 -13.09 14.53
CA ARG A 133 -21.45 -13.32 13.63
C ARG A 133 -20.14 -12.86 14.28
N ARG A 134 -20.14 -11.69 14.91
CA ARG A 134 -18.95 -11.13 15.56
C ARG A 134 -18.50 -11.93 16.78
N HIS A 135 -19.46 -12.52 17.52
CA HIS A 135 -19.19 -13.38 18.68
C HIS A 135 -18.49 -14.65 18.25
N MET A 136 -18.93 -15.18 17.10
CA MET A 136 -18.38 -16.36 16.46
C MET A 136 -16.94 -16.08 15.98
N ILE A 137 -16.68 -14.86 15.40
CA ILE A 137 -15.33 -14.49 14.94
C ILE A 137 -14.39 -14.35 16.15
N LEU A 138 -14.91 -13.76 17.26
CA LEU A 138 -14.16 -13.62 18.51
C LEU A 138 -13.80 -14.97 19.08
N HIS A 139 -14.76 -15.93 19.08
CA HIS A 139 -14.53 -17.30 19.56
C HIS A 139 -13.39 -17.94 18.75
N PHE A 140 -13.46 -17.80 17.42
CA PHE A 140 -12.45 -18.28 16.48
C PHE A 140 -11.06 -17.65 16.77
N ALA A 141 -11.03 -16.33 17.08
CA ALA A 141 -9.78 -15.62 17.39
C ALA A 141 -9.20 -16.10 18.74
N LYS A 142 -10.03 -16.14 19.81
CA LYS A 142 -9.63 -16.59 21.15
C LYS A 142 -9.07 -18.02 21.11
N GLU A 143 -9.79 -18.96 20.47
CA GLU A 143 -9.34 -20.37 20.39
C GLU A 143 -8.02 -20.56 19.61
N ASN A 144 -7.71 -19.65 18.66
CA ASN A 144 -6.50 -19.72 17.84
C ASN A 144 -5.38 -18.79 18.31
N ASP A 145 -5.60 -18.09 19.43
CA ASP A 145 -4.67 -17.11 20.03
C ASP A 145 -4.38 -15.93 19.08
N PHE A 146 -5.42 -15.49 18.35
CA PHE A 146 -5.30 -14.35 17.45
C PHE A 146 -5.94 -13.16 18.11
N LYS A 147 -5.41 -11.99 17.84
CA LYS A 147 -6.00 -10.76 18.33
C LYS A 147 -7.13 -10.41 17.37
N ALA A 148 -8.15 -9.70 17.85
CA ALA A 148 -9.25 -9.22 17.03
C ALA A 148 -9.33 -7.69 17.13
N PHE A 149 -9.40 -7.03 15.98
CA PHE A 149 -9.51 -5.57 15.88
C PHE A 149 -10.63 -5.28 14.87
N PHE A 150 -11.66 -4.55 15.31
CA PHE A 150 -12.82 -4.26 14.47
C PHE A 150 -12.74 -2.90 13.82
N ILE A 151 -13.06 -2.85 12.52
CA ILE A 151 -13.11 -1.61 11.76
C ILE A 151 -14.52 -1.51 11.17
N GLU A 152 -15.33 -0.61 11.72
CA GLU A 152 -16.68 -0.39 11.24
C GLU A 152 -16.76 0.90 10.43
N SER A 153 -17.41 0.82 9.27
CA SER A 153 -17.62 1.99 8.44
C SER A 153 -19.12 2.30 8.45
N VAL A 154 -19.45 3.48 9.02
CA VAL A 154 -20.82 4.00 9.18
C VAL A 154 -20.99 5.22 8.27
N CYS A 155 -21.90 5.14 7.30
CA CYS A 155 -22.22 6.23 6.38
C CYS A 155 -23.55 5.97 5.79
N ASP A 156 -24.54 6.80 6.10
CA ASP A 156 -25.86 6.60 5.52
C ASP A 156 -26.23 7.69 4.52
N ASP A 157 -25.24 8.51 4.08
CA ASP A 157 -25.41 9.55 3.05
C ASP A 157 -25.79 8.86 1.71
N PRO A 158 -27.00 9.10 1.13
CA PRO A 158 -27.38 8.40 -0.12
C PRO A 158 -26.51 8.72 -1.32
N THR A 159 -25.85 9.90 -1.33
CA THR A 159 -24.95 10.34 -2.39
C THR A 159 -23.68 9.46 -2.39
N VAL A 160 -23.13 9.20 -1.19
CA VAL A 160 -21.95 8.35 -0.97
C VAL A 160 -22.24 6.90 -1.36
N VAL A 161 -23.39 6.36 -0.93
CA VAL A 161 -23.86 4.99 -1.24
C VAL A 161 -24.03 4.82 -2.77
N ALA A 162 -24.73 5.76 -3.44
CA ALA A 162 -24.96 5.73 -4.89
C ALA A 162 -23.65 5.80 -5.68
N SER A 163 -22.71 6.67 -5.23
CA SER A 163 -21.38 6.85 -5.81
C SER A 163 -20.53 5.55 -5.71
N ASN A 164 -20.58 4.86 -4.56
CA ASN A 164 -19.88 3.58 -4.35
C ASN A 164 -20.44 2.50 -5.31
N ILE A 165 -21.79 2.44 -5.47
CA ILE A 165 -22.44 1.49 -6.38
C ILE A 165 -21.99 1.74 -7.83
N MET A 166 -21.99 3.02 -8.25
CA MET A 166 -21.58 3.47 -9.58
C MET A 166 -20.08 3.26 -9.86
N GLU A 167 -19.21 3.56 -8.88
CA GLU A 167 -17.76 3.45 -9.02
C GLU A 167 -17.24 2.02 -9.04
N VAL A 168 -17.73 1.14 -8.14
CA VAL A 168 -17.14 -0.18 -8.05
C VAL A 168 -18.13 -1.36 -7.93
N LYS A 169 -19.42 -1.11 -7.64
CA LYS A 169 -20.37 -2.23 -7.55
C LYS A 169 -20.94 -2.68 -8.88
N ILE A 170 -21.43 -1.73 -9.73
CA ILE A 170 -22.04 -2.05 -11.04
C ILE A 170 -21.06 -2.80 -11.97
N SER A 171 -19.74 -2.56 -11.79
CA SER A 171 -18.65 -3.16 -12.56
C SER A 171 -18.19 -4.52 -11.96
N SER A 172 -18.86 -4.99 -10.89
CA SER A 172 -18.57 -6.25 -10.21
C SER A 172 -18.89 -7.46 -11.13
N PRO A 173 -18.15 -8.61 -11.03
CA PRO A 173 -18.47 -9.78 -11.87
C PRO A 173 -19.91 -10.31 -11.72
N ASP A 174 -20.58 -9.95 -10.60
CA ASP A 174 -21.98 -10.28 -10.30
C ASP A 174 -22.96 -9.62 -11.29
N TYR A 175 -22.59 -8.42 -11.78
CA TYR A 175 -23.44 -7.60 -12.65
C TYR A 175 -22.97 -7.53 -14.12
N LYS A 176 -22.22 -8.55 -14.59
CA LYS A 176 -21.68 -8.64 -15.95
C LYS A 176 -22.75 -8.57 -17.05
N ASP A 177 -23.87 -9.29 -16.85
CA ASP A 177 -24.99 -9.36 -17.79
C ASP A 177 -26.04 -8.26 -17.57
N CYS A 178 -25.80 -7.34 -16.60
CA CYS A 178 -26.72 -6.24 -16.26
C CYS A 178 -26.26 -4.88 -16.78
N ASN A 179 -27.23 -3.95 -17.00
CA ASN A 179 -26.90 -2.57 -17.35
C ASN A 179 -26.87 -1.78 -16.05
N SER A 180 -26.24 -0.59 -16.04
CA SER A 180 -26.04 0.27 -14.87
C SER A 180 -27.29 0.47 -13.98
N ALA A 181 -28.47 0.66 -14.59
CA ALA A 181 -29.74 0.88 -13.88
C ALA A 181 -30.25 -0.37 -13.15
N GLU A 182 -30.18 -1.56 -13.78
CA GLU A 182 -30.62 -2.82 -13.15
C GLU A 182 -29.71 -3.21 -11.99
N ALA A 183 -28.39 -3.13 -12.21
CA ALA A 183 -27.36 -3.41 -11.21
C ALA A 183 -27.51 -2.50 -9.98
N MET A 184 -27.74 -1.18 -10.18
CA MET A 184 -27.95 -0.19 -9.10
C MET A 184 -29.22 -0.55 -8.30
N ASP A 185 -30.33 -0.85 -8.99
CA ASP A 185 -31.61 -1.23 -8.38
C ASP A 185 -31.49 -2.52 -7.57
N ASP A 186 -30.84 -3.57 -8.14
CA ASP A 186 -30.60 -4.83 -7.46
C ASP A 186 -29.73 -4.65 -6.21
N PHE A 187 -28.69 -3.80 -6.31
CA PHE A 187 -27.77 -3.54 -5.20
C PHE A 187 -28.46 -2.80 -4.03
N MET A 188 -29.39 -1.87 -4.33
CA MET A 188 -30.16 -1.16 -3.30
C MET A 188 -31.03 -2.14 -2.51
N LYS A 189 -31.66 -3.10 -3.21
CA LYS A 189 -32.48 -4.16 -2.63
C LYS A 189 -31.59 -5.10 -1.78
N ARG A 190 -30.39 -5.42 -2.28
CA ARG A 190 -29.38 -6.24 -1.62
C ARG A 190 -28.96 -5.61 -0.27
N ILE A 191 -28.77 -4.26 -0.22
CA ILE A 191 -28.44 -3.51 1.01
C ILE A 191 -29.59 -3.66 2.03
N SER A 192 -30.83 -3.51 1.54
CA SER A 192 -32.05 -3.60 2.36
C SER A 192 -32.19 -4.94 3.08
N CYS A 193 -31.68 -6.04 2.49
CA CYS A 193 -31.67 -7.40 3.06
C CYS A 193 -30.91 -7.43 4.40
N TYR A 194 -29.91 -6.56 4.56
CA TYR A 194 -29.04 -6.49 5.74
C TYR A 194 -29.47 -5.52 6.83
N GLU A 195 -30.31 -4.54 6.49
CA GLU A 195 -30.68 -3.45 7.38
C GLU A 195 -31.43 -3.86 8.65
N ALA A 196 -32.36 -4.83 8.57
CA ALA A 196 -33.13 -5.27 9.75
C ALA A 196 -32.29 -5.92 10.85
N SER A 197 -31.32 -6.79 10.49
CA SER A 197 -30.50 -7.49 11.48
C SER A 197 -29.22 -6.76 11.88
N TYR A 198 -28.94 -5.60 11.25
CA TYR A 198 -27.75 -4.80 11.53
C TYR A 198 -27.74 -4.21 12.95
N GLN A 199 -26.71 -4.60 13.72
CA GLN A 199 -26.44 -4.15 15.08
C GLN A 199 -25.08 -3.45 15.02
N PRO A 200 -25.07 -2.09 14.95
CA PRO A 200 -23.78 -1.38 14.92
C PRO A 200 -22.92 -1.67 16.14
N LEU A 201 -21.59 -1.39 16.06
CA LEU A 201 -20.71 -1.60 17.23
C LEU A 201 -21.13 -0.63 18.31
N ASP A 202 -21.20 -1.09 19.55
CA ASP A 202 -21.61 -0.26 20.68
C ASP A 202 -20.46 -0.21 21.71
N PRO A 203 -19.43 0.64 21.53
CA PRO A 203 -18.33 0.67 22.53
C PRO A 203 -18.74 1.18 23.92
N ASP A 204 -19.94 1.79 24.01
CA ASP A 204 -20.48 2.34 25.25
C ASP A 204 -20.91 1.25 26.20
N LYS A 205 -21.69 0.27 25.72
CA LYS A 205 -22.15 -0.81 26.59
C LYS A 205 -21.70 -2.20 26.13
N CYS A 206 -22.27 -2.72 25.03
CA CYS A 206 -22.04 -4.08 24.55
C CYS A 206 -20.61 -4.39 24.09
N ASP A 207 -20.02 -3.53 23.26
CA ASP A 207 -18.69 -3.75 22.70
C ASP A 207 -17.57 -2.99 23.43
N ARG A 208 -17.80 -2.66 24.72
CA ARG A 208 -16.87 -1.90 25.57
C ARG A 208 -15.48 -2.53 25.68
N ASP A 209 -15.39 -3.86 25.69
CA ASP A 209 -14.11 -4.57 25.82
C ASP A 209 -13.47 -4.90 24.48
N LEU A 210 -14.13 -4.56 23.35
CA LEU A 210 -13.56 -4.83 22.03
C LEU A 210 -12.62 -3.70 21.58
N SER A 211 -11.56 -4.06 20.85
CA SER A 211 -10.61 -3.14 20.24
C SER A 211 -11.23 -2.78 18.90
N LEU A 212 -11.59 -1.51 18.74
CA LEU A 212 -12.32 -1.10 17.55
C LEU A 212 -12.10 0.34 17.14
N ILE A 213 -12.41 0.60 15.87
CA ILE A 213 -12.49 1.90 15.26
C ILE A 213 -13.79 1.97 14.48
N LYS A 214 -14.56 3.03 14.72
CA LYS A 214 -15.78 3.37 14.00
C LYS A 214 -15.40 4.55 13.12
N VAL A 215 -15.36 4.35 11.80
CA VAL A 215 -15.06 5.37 10.79
C VAL A 215 -16.45 5.89 10.41
N ILE A 216 -16.72 7.14 10.75
CA ILE A 216 -18.03 7.75 10.51
C ILE A 216 -17.91 8.79 9.36
N ASP A 217 -18.86 8.75 8.41
CA ASP A 217 -19.00 9.70 7.29
C ASP A 217 -17.72 9.92 6.48
N VAL A 218 -17.15 8.80 5.99
CA VAL A 218 -15.96 8.76 5.13
C VAL A 218 -14.73 9.41 5.85
N GLY A 219 -14.58 9.15 7.14
CA GLY A 219 -13.44 9.65 7.90
C GLY A 219 -13.55 11.06 8.44
N ARG A 220 -14.76 11.59 8.56
CA ARG A 220 -15.02 12.92 9.12
C ARG A 220 -14.87 12.82 10.66
N ARG A 221 -15.29 11.66 11.23
CA ARG A 221 -15.33 11.41 12.67
C ARG A 221 -14.91 9.97 12.97
N PHE A 222 -14.34 9.73 14.16
CA PHE A 222 -13.87 8.42 14.58
C PHE A 222 -14.19 8.13 16.03
N LEU A 223 -14.57 6.89 16.30
CA LEU A 223 -14.74 6.42 17.66
C LEU A 223 -13.69 5.30 17.79
N VAL A 224 -12.70 5.50 18.68
CA VAL A 224 -11.59 4.58 18.88
C VAL A 224 -11.67 3.99 20.27
N ASN A 225 -11.75 2.66 20.34
CA ASN A 225 -11.87 1.98 21.62
C ASN A 225 -10.82 0.91 21.81
N ARG A 226 -10.13 0.98 22.98
CA ARG A 226 -9.15 0.03 23.48
C ARG A 226 -8.07 -0.40 22.48
N VAL A 227 -7.26 0.55 21.98
CA VAL A 227 -6.14 0.20 21.10
C VAL A 227 -5.09 -0.53 21.95
N GLN A 228 -4.91 -1.83 21.69
CA GLN A 228 -4.02 -2.73 22.44
C GLN A 228 -2.55 -2.60 22.12
N ASP A 229 -2.20 -2.45 20.83
CA ASP A 229 -0.80 -2.49 20.43
C ASP A 229 -0.36 -1.48 19.35
N HIS A 230 0.90 -1.62 18.90
CA HIS A 230 1.60 -0.81 17.89
C HIS A 230 0.91 -0.83 16.53
N ILE A 231 0.57 -2.02 16.03
CA ILE A 231 -0.03 -2.18 14.71
C ILE A 231 -1.44 -1.56 14.64
N GLN A 232 -2.28 -1.70 15.69
CA GLN A 232 -3.61 -1.12 15.76
C GLN A 232 -3.53 0.39 15.79
N SER A 233 -2.55 0.90 16.55
CA SER A 233 -2.30 2.33 16.67
C SER A 233 -1.90 2.95 15.31
N ARG A 234 -1.04 2.25 14.55
CA ARG A 234 -0.59 2.61 13.20
C ARG A 234 -1.77 2.65 12.20
N ILE A 235 -2.66 1.62 12.25
CA ILE A 235 -3.87 1.48 11.40
C ILE A 235 -4.77 2.67 11.62
N VAL A 236 -5.01 3.01 12.89
CA VAL A 236 -5.86 4.12 13.30
C VAL A 236 -5.31 5.44 12.74
N TYR A 237 -4.00 5.67 12.89
CA TYR A 237 -3.31 6.86 12.36
C TYR A 237 -3.43 6.92 10.81
N TYR A 238 -3.26 5.78 10.13
CA TYR A 238 -3.39 5.70 8.67
C TYR A 238 -4.82 6.09 8.19
N LEU A 239 -5.85 5.48 8.81
CA LEU A 239 -7.27 5.74 8.53
C LEU A 239 -7.64 7.17 8.73
N MET A 240 -6.98 7.83 9.67
CA MET A 240 -7.22 9.23 9.94
C MET A 240 -6.53 10.16 8.97
N ASN A 241 -5.59 9.66 8.13
CA ASN A 241 -4.81 10.47 7.18
C ASN A 241 -5.24 10.34 5.72
N ILE A 242 -5.88 9.24 5.39
CA ILE A 242 -6.35 8.97 4.03
C ILE A 242 -7.68 9.72 3.77
N HIS A 243 -8.00 9.98 2.49
CA HIS A 243 -9.23 10.67 2.04
C HIS A 243 -9.60 10.15 0.64
N VAL A 244 -10.81 10.47 0.17
CA VAL A 244 -11.28 10.04 -1.18
C VAL A 244 -11.49 11.24 -2.11
N GLN A 245 -10.96 12.43 -1.74
CA GLN A 245 -11.07 13.64 -2.56
C GLN A 245 -10.31 13.45 -3.88
N PRO A 246 -10.81 13.95 -5.03
CA PRO A 246 -10.08 13.74 -6.29
C PRO A 246 -8.79 14.54 -6.34
N ARG A 247 -7.72 13.92 -6.86
CA ARG A 247 -6.38 14.54 -6.93
C ARG A 247 -5.44 13.78 -7.86
N THR A 248 -4.26 14.35 -8.10
CA THR A 248 -3.27 13.70 -8.97
C THR A 248 -1.92 13.71 -8.30
N ILE A 249 -1.21 12.59 -8.39
CA ILE A 249 0.15 12.44 -7.89
C ILE A 249 1.08 12.31 -9.10
N TYR A 250 2.02 13.26 -9.23
CA TYR A 250 3.00 13.21 -10.32
C TYR A 250 4.31 12.83 -9.69
N LEU A 251 4.97 11.84 -10.26
CA LEU A 251 6.26 11.35 -9.78
C LEU A 251 7.25 11.41 -10.92
N CYS A 252 8.44 11.94 -10.67
CA CYS A 252 9.52 11.96 -11.65
C CYS A 252 10.84 12.04 -10.95
N ARG A 253 11.90 11.78 -11.67
CA ARG A 253 13.26 11.90 -11.19
C ARG A 253 13.73 13.32 -11.55
N HIS A 254 14.82 13.74 -10.94
CA HIS A 254 15.50 14.98 -11.28
C HIS A 254 15.89 14.86 -12.79
N GLY A 255 16.14 15.98 -13.46
CA GLY A 255 16.61 15.94 -14.84
C GLY A 255 17.99 15.30 -14.83
N GLU A 256 18.41 14.70 -15.94
CA GLU A 256 19.74 14.05 -16.07
C GLU A 256 20.86 14.86 -15.39
N ASN A 257 21.71 14.19 -14.60
CA ASN A 257 22.81 14.87 -13.92
C ASN A 257 24.20 14.47 -14.50
N GLU A 258 25.28 15.12 -14.03
CA GLU A 258 26.63 14.82 -14.52
C GLU A 258 27.09 13.37 -14.20
N HIS A 259 26.69 12.82 -13.04
CA HIS A 259 26.99 11.45 -12.63
C HIS A 259 26.29 10.45 -13.53
N ASN A 260 25.06 10.78 -13.99
CA ASN A 260 24.31 9.94 -14.92
C ASN A 260 25.12 9.78 -16.21
N LEU A 261 25.72 10.89 -16.72
CA LEU A 261 26.54 10.87 -17.94
C LEU A 261 27.79 10.00 -17.81
N GLN A 262 28.38 9.95 -16.60
CA GLN A 262 29.58 9.17 -16.30
C GLN A 262 29.26 7.73 -15.82
N GLY A 263 27.97 7.42 -15.69
CA GLY A 263 27.51 6.12 -15.18
C GLY A 263 27.87 5.90 -13.71
N ARG A 264 27.97 6.99 -12.93
CA ARG A 264 28.32 6.97 -11.50
C ARG A 264 27.08 6.99 -10.61
N ILE A 265 27.10 6.19 -9.53
CA ILE A 265 26.00 6.08 -8.57
C ILE A 265 26.18 7.06 -7.42
N GLY A 266 25.06 7.45 -6.80
CA GLY A 266 25.03 8.38 -5.69
C GLY A 266 25.59 9.76 -6.03
N GLY A 267 26.26 10.34 -5.04
CA GLY A 267 26.85 11.67 -5.16
C GLY A 267 25.80 12.76 -5.07
N ASP A 268 26.22 14.00 -5.35
CA ASP A 268 25.33 15.16 -5.31
C ASP A 268 25.66 16.09 -6.49
N SER A 269 25.78 15.51 -7.68
CA SER A 269 26.09 16.26 -8.90
C SER A 269 24.89 17.10 -9.39
N GLY A 270 25.19 18.09 -10.23
CA GLY A 270 24.19 18.98 -10.80
C GLY A 270 23.68 18.51 -12.14
N LEU A 271 22.61 19.18 -12.61
CA LEU A 271 21.98 18.89 -13.90
C LEU A 271 22.94 19.09 -15.05
N SER A 272 22.87 18.17 -16.02
CA SER A 272 23.60 18.26 -17.29
C SER A 272 22.78 19.25 -18.17
N SER A 273 23.27 19.57 -19.37
CA SER A 273 22.53 20.47 -20.28
C SER A 273 21.15 19.88 -20.65
N ARG A 274 21.07 18.55 -20.85
CA ARG A 274 19.80 17.85 -21.14
C ARG A 274 18.87 17.87 -19.91
N GLY A 275 19.43 17.68 -18.71
CA GLY A 275 18.70 17.73 -17.44
C GLY A 275 18.01 19.07 -17.25
N LYS A 276 18.71 20.17 -17.61
CA LYS A 276 18.18 21.55 -17.56
C LYS A 276 17.06 21.73 -18.60
N LYS A 277 17.20 21.06 -19.78
CA LYS A 277 16.17 21.07 -20.83
C LYS A 277 14.92 20.35 -20.33
N PHE A 278 15.08 19.21 -19.61
CA PHE A 278 13.94 18.48 -19.02
C PHE A 278 13.22 19.37 -18.03
N ALA A 279 13.98 20.07 -17.14
CA ALA A 279 13.45 20.96 -16.11
C ALA A 279 12.53 22.02 -16.73
N SER A 280 12.94 22.65 -17.88
CA SER A 280 12.12 23.60 -18.67
C SER A 280 10.88 22.87 -19.23
N ALA A 281 11.07 21.66 -19.78
CA ALA A 281 9.98 20.87 -20.34
C ALA A 281 8.96 20.50 -19.24
N LEU A 282 9.44 20.19 -18.02
CA LEU A 282 8.62 19.88 -16.86
C LEU A 282 7.76 21.07 -16.44
N SER A 283 8.32 22.29 -16.48
CA SER A 283 7.58 23.51 -16.17
C SER A 283 6.39 23.69 -17.13
N LYS A 284 6.64 23.51 -18.44
CA LYS A 284 5.62 23.60 -19.48
C LYS A 284 4.55 22.53 -19.25
N PHE A 285 4.98 21.28 -18.99
CA PHE A 285 4.07 20.18 -18.69
C PHE A 285 3.17 20.52 -17.50
N VAL A 286 3.76 20.96 -16.37
CA VAL A 286 3.05 21.32 -15.14
C VAL A 286 1.99 22.41 -15.42
N GLU A 287 2.39 23.47 -16.14
CA GLU A 287 1.54 24.59 -16.56
C GLU A 287 0.33 24.06 -17.36
N GLU A 288 0.56 23.15 -18.32
CA GLU A 288 -0.48 22.55 -19.17
C GLU A 288 -1.47 21.66 -18.40
N GLN A 289 -1.11 21.20 -17.19
CA GLN A 289 -1.98 20.38 -16.36
C GLN A 289 -3.10 21.21 -15.70
N ASN A 290 -2.93 22.55 -15.65
CA ASN A 290 -3.89 23.52 -15.13
C ASN A 290 -4.46 23.14 -13.76
N LEU A 291 -3.57 22.85 -12.79
CA LEU A 291 -3.93 22.45 -11.43
C LEU A 291 -4.10 23.66 -10.55
N LYS A 292 -5.29 23.79 -9.89
CA LYS A 292 -5.66 24.91 -9.00
C LYS A 292 -4.57 25.18 -7.96
N ASP A 293 -4.12 24.11 -7.29
CA ASP A 293 -3.05 24.13 -6.30
C ASP A 293 -2.19 22.90 -6.58
N LEU A 294 -0.88 23.01 -6.32
CA LEU A 294 0.06 21.89 -6.50
C LEU A 294 1.19 22.01 -5.50
N ARG A 295 1.45 20.93 -4.73
CA ARG A 295 2.55 20.92 -3.79
CA ARG A 295 2.55 20.90 -3.78
C ARG A 295 3.71 20.27 -4.53
N VAL A 296 4.91 20.83 -4.38
CA VAL A 296 6.10 20.31 -5.05
C VAL A 296 7.08 19.86 -3.99
N TRP A 297 7.50 18.59 -4.06
CA TRP A 297 8.45 18.01 -3.12
C TRP A 297 9.70 17.57 -3.85
N THR A 298 10.86 17.84 -3.22
CA THR A 298 12.16 17.44 -3.74
C THR A 298 12.91 16.73 -2.62
N SER A 299 14.08 16.18 -2.96
CA SER A 299 15.02 15.63 -1.99
C SER A 299 15.92 16.83 -1.55
N GLN A 300 16.95 16.57 -0.75
CA GLN A 300 17.89 17.63 -0.41
C GLN A 300 19.10 17.62 -1.36
N LEU A 301 19.08 16.74 -2.36
CA LEU A 301 20.15 16.65 -3.34
C LEU A 301 19.93 17.65 -4.47
N LYS A 302 21.01 18.33 -4.86
CA LYS A 302 21.07 19.42 -5.86
C LYS A 302 20.21 19.22 -7.13
N SER A 303 20.34 18.04 -7.76
CA SER A 303 19.69 17.74 -9.05
C SER A 303 18.17 17.85 -9.00
N THR A 304 17.52 17.46 -7.88
CA THR A 304 16.06 17.57 -7.76
C THR A 304 15.65 19.03 -7.49
N ILE A 305 16.48 19.77 -6.74
CA ILE A 305 16.23 21.18 -6.38
C ILE A 305 16.34 22.08 -7.63
N GLN A 306 17.35 21.81 -8.47
CA GLN A 306 17.55 22.54 -9.72
C GLN A 306 16.38 22.31 -10.66
N THR A 307 15.83 21.07 -10.69
CA THR A 307 14.66 20.69 -11.50
C THR A 307 13.43 21.49 -11.02
N ALA A 308 13.21 21.55 -9.69
CA ALA A 308 12.10 22.30 -9.08
C ALA A 308 12.24 23.81 -9.31
N GLU A 309 13.48 24.33 -9.31
CA GLU A 309 13.77 25.74 -9.53
C GLU A 309 13.21 26.24 -10.87
N ALA A 310 13.22 25.36 -11.90
CA ALA A 310 12.71 25.67 -13.24
C ALA A 310 11.18 25.86 -13.27
N LEU A 311 10.45 25.32 -12.27
CA LEU A 311 8.99 25.42 -12.19
C LEU A 311 8.45 26.79 -11.78
N ARG A 312 9.26 27.58 -11.06
CA ARG A 312 8.89 28.88 -10.48
C ARG A 312 7.66 28.70 -9.54
N LEU A 313 7.68 27.61 -8.77
CA LEU A 313 6.62 27.28 -7.82
C LEU A 313 7.26 27.04 -6.46
N PRO A 314 6.55 27.31 -5.33
CA PRO A 314 7.11 26.95 -4.02
C PRO A 314 7.33 25.43 -3.93
N TYR A 315 8.41 25.00 -3.29
CA TYR A 315 8.71 23.59 -3.11
C TYR A 315 9.28 23.33 -1.73
N GLU A 316 9.20 22.08 -1.31
CA GLU A 316 9.66 21.64 0.00
C GLU A 316 10.68 20.52 -0.19
N GLN A 317 11.86 20.65 0.45
CA GLN A 317 12.93 19.65 0.41
C GLN A 317 12.78 18.65 1.54
N TRP A 318 12.80 17.35 1.23
CA TRP A 318 12.72 16.28 2.22
C TRP A 318 14.00 15.48 2.17
N LYS A 319 14.68 15.34 3.31
CA LYS A 319 15.88 14.50 3.43
C LYS A 319 15.47 13.03 3.20
N ALA A 320 14.22 12.65 3.55
CA ALA A 320 13.70 11.31 3.33
C ALA A 320 13.61 10.91 1.83
N LEU A 321 13.62 11.90 0.92
CA LEU A 321 13.56 11.68 -0.53
C LEU A 321 14.94 11.53 -1.19
N ASN A 322 16.02 11.71 -0.41
CA ASN A 322 17.41 11.56 -0.89
C ASN A 322 17.61 10.16 -1.41
N GLU A 323 18.38 10.00 -2.48
CA GLU A 323 18.62 8.70 -3.09
C GLU A 323 19.21 7.68 -2.12
N ILE A 324 18.98 6.39 -2.37
CA ILE A 324 19.55 5.29 -1.58
C ILE A 324 21.05 5.55 -1.33
N ASP A 325 21.52 5.35 -0.10
CA ASP A 325 22.92 5.60 0.23
C ASP A 325 23.74 4.37 -0.14
N ALA A 326 24.69 4.53 -1.07
CA ALA A 326 25.53 3.42 -1.53
C ALA A 326 26.76 3.14 -0.65
N GLY A 327 26.88 3.84 0.48
CA GLY A 327 27.98 3.67 1.43
C GLY A 327 29.34 3.85 0.79
N VAL A 328 30.18 2.80 0.85
CA VAL A 328 31.55 2.80 0.28
C VAL A 328 31.56 2.86 -1.26
N CYS A 329 30.44 2.47 -1.90
CA CYS A 329 30.27 2.44 -3.35
C CYS A 329 29.78 3.77 -3.94
N GLU A 330 29.58 4.79 -3.10
CA GLU A 330 29.14 6.11 -3.55
C GLU A 330 30.13 6.70 -4.56
N GLU A 331 29.62 7.32 -5.65
CA GLU A 331 30.35 8.04 -6.71
C GLU A 331 31.16 7.12 -7.65
N LEU A 332 30.97 5.81 -7.53
CA LEU A 332 31.62 4.77 -8.34
C LEU A 332 30.69 4.38 -9.47
N THR A 333 31.27 3.85 -10.56
CA THR A 333 30.49 3.32 -11.67
C THR A 333 30.20 1.85 -11.30
N TYR A 334 29.25 1.19 -11.98
CA TYR A 334 28.96 -0.22 -11.70
C TYR A 334 30.13 -1.13 -12.07
N GLU A 335 30.93 -0.73 -13.09
CA GLU A 335 32.13 -1.46 -13.52
C GLU A 335 33.18 -1.41 -12.42
N GLU A 336 33.40 -0.22 -11.82
CA GLU A 336 34.32 -0.02 -10.70
C GLU A 336 33.85 -0.78 -9.45
N ILE A 337 32.52 -0.97 -9.27
CA ILE A 337 31.97 -1.71 -8.13
C ILE A 337 32.29 -3.19 -8.34
N ARG A 338 32.02 -3.72 -9.53
CA ARG A 338 32.30 -5.12 -9.87
C ARG A 338 33.79 -5.47 -9.76
N ASP A 339 34.69 -4.53 -10.10
CA ASP A 339 36.12 -4.79 -10.06
C ASP A 339 36.75 -4.62 -8.68
N THR A 340 36.30 -3.63 -7.89
CA THR A 340 36.83 -3.37 -6.54
C THR A 340 36.13 -4.25 -5.48
N TYR A 341 34.80 -4.42 -5.61
CA TYR A 341 33.96 -5.19 -4.68
C TYR A 341 33.15 -6.29 -5.43
N PRO A 342 33.81 -7.36 -5.97
CA PRO A 342 33.05 -8.38 -6.73
C PRO A 342 32.05 -9.18 -5.91
N GLU A 343 32.38 -9.47 -4.63
CA GLU A 343 31.51 -10.22 -3.71
C GLU A 343 30.24 -9.39 -3.43
N GLU A 344 30.42 -8.09 -3.14
CA GLU A 344 29.34 -7.14 -2.89
C GLU A 344 28.40 -7.01 -4.09
N TYR A 345 28.99 -6.89 -5.31
CA TYR A 345 28.27 -6.79 -6.59
C TYR A 345 27.34 -8.00 -6.80
N ALA A 346 27.90 -9.22 -6.66
CA ALA A 346 27.14 -10.47 -6.82
C ALA A 346 26.04 -10.64 -5.75
N LEU A 347 26.33 -10.28 -4.48
CA LEU A 347 25.35 -10.35 -3.37
C LEU A 347 24.12 -9.50 -3.63
N ARG A 348 24.33 -8.26 -4.16
CA ARG A 348 23.27 -7.32 -4.51
C ARG A 348 22.40 -7.85 -5.66
N GLU A 349 23.05 -8.37 -6.72
CA GLU A 349 22.38 -8.97 -7.89
C GLU A 349 21.48 -10.14 -7.47
N GLN A 350 21.88 -10.89 -6.44
CA GLN A 350 21.13 -12.04 -5.95
C GLN A 350 19.98 -11.65 -5.01
N ASP A 351 20.13 -10.56 -4.24
CA ASP A 351 19.11 -10.15 -3.28
C ASP A 351 19.02 -8.62 -3.23
N LYS A 352 18.58 -8.01 -4.35
CA LYS A 352 18.52 -6.56 -4.54
C LYS A 352 17.68 -5.79 -3.50
N TYR A 353 16.58 -6.36 -2.98
CA TYR A 353 15.76 -5.67 -1.99
C TYR A 353 16.39 -5.58 -0.60
N TYR A 354 16.91 -6.72 -0.10
CA TYR A 354 17.47 -6.83 1.26
C TYR A 354 18.92 -6.47 1.37
N TYR A 355 19.65 -6.50 0.24
CA TYR A 355 21.06 -6.16 0.22
C TYR A 355 21.31 -4.77 0.76
N ARG A 356 22.26 -4.65 1.69
CA ARG A 356 22.65 -3.35 2.22
C ARG A 356 24.08 -3.07 1.76
N TYR A 357 24.31 -1.88 1.19
CA TYR A 357 25.65 -1.44 0.79
C TYR A 357 26.50 -1.25 2.08
N PRO A 358 27.82 -1.55 2.07
CA PRO A 358 28.62 -1.35 3.31
C PRO A 358 28.64 0.12 3.71
N THR A 359 28.19 0.41 4.95
CA THR A 359 28.00 1.74 5.57
C THR A 359 26.85 2.50 4.85
N GLY A 360 26.06 1.77 4.07
CA GLY A 360 24.97 2.29 3.26
C GLY A 360 23.63 1.66 3.54
N GLU A 361 22.73 1.74 2.56
CA GLU A 361 21.35 1.30 2.70
C GLU A 361 20.93 0.18 1.76
N SER A 362 19.76 -0.38 2.08
CA SER A 362 19.01 -1.34 1.30
C SER A 362 17.68 -0.67 0.86
N TYR A 363 16.95 -1.27 -0.10
CA TYR A 363 15.61 -0.84 -0.51
C TYR A 363 14.69 -0.97 0.72
N GLN A 364 14.96 -1.98 1.58
CA GLN A 364 14.25 -2.19 2.85
C GLN A 364 14.39 -0.96 3.75
N ASP A 365 15.61 -0.36 3.84
CA ASP A 365 15.86 0.85 4.62
C ASP A 365 15.10 2.03 4.03
N LEU A 366 15.07 2.12 2.68
CA LEU A 366 14.35 3.18 1.95
C LEU A 366 12.87 3.24 2.35
N VAL A 367 12.17 2.09 2.37
CA VAL A 367 10.76 1.94 2.77
C VAL A 367 10.55 2.56 4.14
N GLN A 368 11.39 2.20 5.11
CA GLN A 368 11.29 2.73 6.47
C GLN A 368 11.41 4.23 6.49
N ARG A 369 12.36 4.82 5.72
CA ARG A 369 12.47 6.27 5.78
C ARG A 369 11.45 6.99 4.86
N LEU A 370 10.86 6.31 3.88
CA LEU A 370 9.83 6.90 3.03
C LEU A 370 8.42 6.82 3.63
N GLU A 371 8.23 6.05 4.71
CA GLU A 371 6.92 5.91 5.33
C GLU A 371 6.27 7.29 5.69
N PRO A 372 7.00 8.27 6.32
CA PRO A 372 6.38 9.59 6.57
C PRO A 372 6.02 10.32 5.27
N VAL A 373 6.76 10.04 4.16
CA VAL A 373 6.49 10.64 2.83
C VAL A 373 5.12 10.13 2.35
N ILE A 374 4.90 8.82 2.45
CA ILE A 374 3.67 8.13 2.06
C ILE A 374 2.46 8.65 2.87
N MET A 375 2.64 8.79 4.19
CA MET A 375 1.60 9.28 5.10
C MET A 375 1.19 10.71 4.73
N GLU A 376 2.17 11.54 4.36
CA GLU A 376 1.90 12.91 3.96
C GLU A 376 1.29 12.96 2.55
N LEU A 377 1.71 12.06 1.63
CA LEU A 377 1.13 11.96 0.29
C LEU A 377 -0.35 11.62 0.36
N GLU A 378 -0.72 10.77 1.34
CA GLU A 378 -2.11 10.37 1.61
C GLU A 378 -2.97 11.55 2.04
N ARG A 379 -2.44 12.41 2.93
CA ARG A 379 -3.12 13.61 3.47
C ARG A 379 -3.36 14.68 2.41
N GLN A 380 -2.42 14.84 1.48
CA GLN A 380 -2.40 15.86 0.44
C GLN A 380 -3.33 15.61 -0.73
N GLU A 381 -3.38 16.57 -1.65
CA GLU A 381 -4.15 16.46 -2.89
C GLU A 381 -3.20 16.35 -4.10
N ASN A 382 -3.00 17.45 -4.86
CA ASN A 382 -2.12 17.44 -6.03
C ASN A 382 -0.71 17.61 -5.56
N VAL A 383 0.15 16.63 -5.84
CA VAL A 383 1.55 16.65 -5.42
C VAL A 383 2.46 16.21 -6.57
N LEU A 384 3.59 16.92 -6.73
CA LEU A 384 4.63 16.58 -7.68
C LEU A 384 5.86 16.26 -6.84
N VAL A 385 6.35 15.03 -6.96
CA VAL A 385 7.53 14.53 -6.24
C VAL A 385 8.64 14.38 -7.26
N ILE A 386 9.70 15.19 -7.10
CA ILE A 386 10.91 15.17 -7.94
C ILE A 386 11.96 14.41 -7.10
N CYS A 387 12.27 13.17 -7.49
CA CYS A 387 13.16 12.39 -6.66
C CYS A 387 14.24 11.64 -7.46
N HIS A 388 14.55 10.39 -7.06
CA HIS A 388 15.65 9.57 -7.58
C HIS A 388 15.16 8.18 -7.89
N GLN A 389 15.89 7.44 -8.73
CA GLN A 389 15.54 6.12 -9.26
C GLN A 389 15.04 5.12 -8.19
N ALA A 390 15.84 4.80 -7.16
CA ALA A 390 15.47 3.84 -6.11
C ALA A 390 14.33 4.33 -5.24
N VAL A 391 14.30 5.65 -4.89
CA VAL A 391 13.22 6.29 -4.10
C VAL A 391 11.89 6.16 -4.86
N LEU A 392 11.93 6.47 -6.18
CA LEU A 392 10.79 6.41 -7.06
C LEU A 392 10.23 4.98 -7.16
N ARG A 393 11.09 3.97 -7.34
CA ARG A 393 10.67 2.56 -7.37
C ARG A 393 9.91 2.22 -6.07
N CYS A 394 10.43 2.66 -4.91
CA CYS A 394 9.82 2.42 -3.59
CA CYS A 394 9.86 2.41 -3.59
C CYS A 394 8.45 3.02 -3.45
N LEU A 395 8.28 4.29 -3.88
CA LEU A 395 6.99 5.01 -3.84
C LEU A 395 5.99 4.38 -4.81
N LEU A 396 6.46 4.07 -6.04
CA LEU A 396 5.67 3.42 -7.08
C LEU A 396 5.17 2.05 -6.64
N ALA A 397 6.02 1.28 -5.95
CA ALA A 397 5.64 -0.04 -5.41
C ALA A 397 4.51 0.10 -4.40
N TYR A 398 4.49 1.21 -3.62
CA TYR A 398 3.38 1.46 -2.70
C TYR A 398 2.08 1.72 -3.46
N PHE A 399 2.08 2.66 -4.40
CA PHE A 399 0.88 3.04 -5.17
C PHE A 399 0.36 1.94 -6.09
N LEU A 400 1.27 1.16 -6.71
CA LEU A 400 0.97 0.08 -7.65
C LEU A 400 0.89 -1.29 -7.02
N ASP A 401 0.99 -1.38 -5.68
CA ASP A 401 0.93 -2.65 -4.93
C ASP A 401 1.94 -3.70 -5.48
N LYS A 402 3.21 -3.29 -5.64
CA LYS A 402 4.29 -4.17 -6.10
C LYS A 402 5.00 -4.75 -4.90
N SER A 403 5.43 -6.01 -5.00
CA SER A 403 6.12 -6.72 -3.93
C SER A 403 7.55 -6.22 -3.74
N ALA A 404 8.17 -6.60 -2.60
CA ALA A 404 9.55 -6.28 -2.24
C ALA A 404 10.52 -6.83 -3.33
N GLU A 405 10.21 -8.02 -3.85
CA GLU A 405 10.99 -8.68 -4.90
C GLU A 405 10.94 -7.92 -6.22
N GLU A 406 9.77 -7.39 -6.62
CA GLU A 406 9.72 -6.66 -7.89
C GLU A 406 10.20 -5.20 -7.78
N MET A 407 10.01 -4.55 -6.62
CA MET A 407 10.38 -3.15 -6.32
C MET A 407 11.77 -2.70 -6.88
N PRO A 408 12.93 -3.37 -6.64
CA PRO A 408 14.20 -2.87 -7.18
C PRO A 408 14.33 -2.89 -8.70
N TYR A 409 13.36 -3.47 -9.43
CA TYR A 409 13.42 -3.62 -10.88
C TYR A 409 12.38 -2.83 -11.64
N LEU A 410 11.54 -2.04 -10.95
CA LEU A 410 10.52 -1.21 -11.61
C LEU A 410 11.19 -0.20 -12.53
N LYS A 411 10.65 -0.02 -13.74
CA LYS A 411 11.19 0.90 -14.75
C LYS A 411 10.73 2.31 -14.46
N CYS A 412 11.71 3.18 -14.17
CA CYS A 412 11.48 4.59 -13.85
CA CYS A 412 11.44 4.60 -13.92
C CYS A 412 12.49 5.43 -14.65
N PRO A 413 12.27 5.57 -15.98
CA PRO A 413 13.25 6.32 -16.79
C PRO A 413 13.34 7.81 -16.45
N LEU A 414 14.48 8.41 -16.85
CA LEU A 414 14.73 9.84 -16.71
C LEU A 414 13.83 10.57 -17.71
N HIS A 415 13.51 11.82 -17.41
CA HIS A 415 12.75 12.77 -18.24
C HIS A 415 11.34 12.30 -18.58
N THR A 416 10.76 11.51 -17.67
CA THR A 416 9.45 10.87 -17.79
C THR A 416 8.65 11.07 -16.50
N VAL A 417 7.45 11.65 -16.63
CA VAL A 417 6.52 11.89 -15.52
C VAL A 417 5.54 10.71 -15.40
N LEU A 418 5.37 10.19 -14.19
CA LEU A 418 4.41 9.13 -13.90
C LEU A 418 3.22 9.82 -13.24
N LYS A 419 2.10 9.89 -13.97
CA LYS A 419 0.87 10.54 -13.52
C LYS A 419 -0.04 9.50 -12.92
N LEU A 420 -0.29 9.64 -11.60
CA LEU A 420 -1.09 8.68 -10.85
C LEU A 420 -2.45 9.28 -10.50
N THR A 421 -3.52 8.59 -10.94
CA THR A 421 -4.88 9.01 -10.66
C THR A 421 -5.59 7.94 -9.83
N PRO A 422 -5.92 8.24 -8.55
CA PRO A 422 -6.61 7.24 -7.72
C PRO A 422 -8.01 7.02 -8.23
N VAL A 423 -8.32 5.77 -8.61
CA VAL A 423 -9.62 5.38 -9.14
C VAL A 423 -9.95 3.94 -8.69
N ALA A 424 -11.20 3.73 -8.19
CA ALA A 424 -11.77 2.45 -7.69
C ALA A 424 -10.97 1.89 -6.50
N TYR A 425 -10.21 0.79 -6.70
CA TYR A 425 -9.39 0.18 -5.65
C TYR A 425 -7.88 0.27 -5.89
N GLY A 426 -7.43 1.29 -6.61
CA GLY A 426 -6.01 1.53 -6.85
C GLY A 426 -5.68 2.80 -7.59
N CYS A 427 -4.63 2.74 -8.42
CA CYS A 427 -4.15 3.87 -9.21
C CYS A 427 -4.14 3.59 -10.70
N ARG A 428 -4.63 4.56 -11.48
CA ARG A 428 -4.48 4.57 -12.93
C ARG A 428 -3.10 5.22 -13.11
N VAL A 429 -2.21 4.60 -13.91
CA VAL A 429 -0.87 5.13 -14.15
C VAL A 429 -0.71 5.52 -15.63
N GLU A 430 -0.38 6.78 -15.88
CA GLU A 430 -0.10 7.31 -17.21
C GLU A 430 1.36 7.73 -17.20
N SER A 431 2.09 7.41 -18.25
CA SER A 431 3.49 7.79 -18.39
C SER A 431 3.55 8.95 -19.41
N ILE A 432 4.30 10.02 -19.09
CA ILE A 432 4.46 11.16 -19.99
C ILE A 432 5.96 11.49 -20.17
N TYR A 433 6.53 11.07 -21.30
CA TYR A 433 7.92 11.33 -21.66
C TYR A 433 7.98 12.76 -22.20
N LEU A 434 8.88 13.60 -21.64
CA LEU A 434 8.90 15.01 -21.98
C LEU A 434 9.86 15.38 -23.16
N ASN A 435 10.13 14.37 -24.01
CA ASN A 435 10.84 14.49 -25.28
C ASN A 435 12.23 15.15 -25.16
N VAL A 436 12.97 14.81 -24.10
CA VAL A 436 14.34 15.29 -23.88
C VAL A 436 15.19 14.02 -23.69
N GLU A 437 16.24 13.89 -24.53
CA GLU A 437 17.19 12.77 -24.49
C GLU A 437 17.95 12.75 -23.17
N SER A 438 18.32 11.53 -22.75
CA SER A 438 19.08 11.25 -21.54
C SER A 438 19.73 9.89 -21.71
N VAL A 439 20.61 9.54 -20.77
CA VAL A 439 21.20 8.21 -20.71
C VAL A 439 20.11 7.28 -20.08
N CYS A 440 20.35 5.97 -20.09
CA CYS A 440 19.45 4.99 -19.47
C CYS A 440 20.16 4.47 -18.23
N THR A 441 19.47 4.49 -17.08
CA THR A 441 20.06 4.03 -15.82
C THR A 441 19.42 2.72 -15.34
N HIS A 442 18.48 2.16 -16.14
CA HIS A 442 17.80 0.92 -15.79
C HIS A 442 18.69 -0.30 -16.05
N ARG A 443 18.74 -1.20 -15.06
CA ARG A 443 19.52 -2.45 -15.11
C ARG A 443 18.62 -3.61 -14.68
N GLU A 444 18.34 -4.54 -15.62
CA GLU A 444 17.50 -5.71 -15.39
C GLU A 444 18.22 -6.76 -14.54
N ARG A 445 17.48 -7.74 -13.98
CA ARG A 445 18.06 -8.82 -13.17
C ARG A 445 18.86 -9.82 -14.00
#